data_5WN0
#
_entry.id   5WN0
#
_cell.length_a   44.264
_cell.length_b   61.942
_cell.length_c   73.765
_cell.angle_alpha   82.590
_cell.angle_beta   76.880
_cell.angle_gamma   85.890
#
_symmetry.space_group_name_H-M   'P 1'
#
loop_
_entity.id
_entity.type
_entity.pdbx_description
1 polymer 'DNA-(apurinic or apyrimidinic site) lyase'
2 polymer "DNA (5'-D(P*TP*CP*GP*AP*CP*GP*GP*AP*TP*CP*C)-3')"
3 polymer "DNA (5'-D(*GP*CP*TP*GP*AP*TP*GP*CP*GP*C)-3')"
4 polymer "DNA (5'-D(*GP*GP*AP*TP*CP*CP*GP*TP*CP*GP*AP*GP*CP*GP*CP*AP*TP*CP*AP*GP*C)-3')"
5 water water
#
loop_
_entity_poly.entity_id
_entity_poly.type
_entity_poly.pdbx_seq_one_letter_code
_entity_poly.pdbx_strand_id
1 'polypeptide(L)'
;ALYEDPPDQKTSPSGKPATLKICSWNVDGLRAWIKKKGLDWVKEEAPDILCLQETKCSENKLPAELQELPGLSHQYWSAP
SDKEGYSGVGLLSRQAPLKVSYGIGDEEHDQEGRVIVAEFDSFVLVTAYVPNAGRGLVRLEYRQRWDEAFRKFLKGLASR
KPLVLCGDLNVAHEEIDLRNPKGNKKNAGFTPQERQGFGELLQAVPLADSFRHLYPNTPYAYTFWTYMMNARSKNVGWRL
DYFLLSHSLLPALCDSKIRSKALGSDHCPITLYLAL
;
A,B
2 'polydeoxyribonucleotide' (DT)(DC)(DG)(DA)(DC)(DG)(DG)(DA)(DT)(DC)(DC) C
3 'polydeoxyribonucleotide' (DG)(DC)(DT)(DG)(DA)(DT)(DG)(DC)(DG)(DC) D
4 'polydeoxyribonucleotide'
;(DG)(DG)(DA)(DT)(DC)(DC)(DG)(DT)(DC)(DG)(DA)(DG)(DC)(DG)(DC)(DA)(DT)(DC)(DA)(DG)
(DC)
;
E
#
loop_
_chem_comp.id
_chem_comp.type
_chem_comp.name
_chem_comp.formula
DA DNA linking 2'-DEOXYADENOSINE-5'-MONOPHOSPHATE 'C10 H14 N5 O6 P'
DC DNA linking 2'-DEOXYCYTIDINE-5'-MONOPHOSPHATE 'C9 H14 N3 O7 P'
DG DNA linking 2'-DEOXYGUANOSINE-5'-MONOPHOSPHATE 'C10 H14 N5 O7 P'
DT DNA linking THYMIDINE-5'-MONOPHOSPHATE 'C10 H15 N2 O8 P'
#
# COMPACT_ATOMS: atom_id res chain seq x y z
N ALA A 1 23.66 34.53 11.14
CA ALA A 1 23.72 35.34 9.92
C ALA A 1 22.83 34.71 8.84
N LEU A 2 22.47 35.50 7.82
CA LEU A 2 21.50 35.00 6.85
C LEU A 2 22.19 34.17 5.76
N TYR A 3 21.37 33.41 5.05
CA TYR A 3 21.86 32.39 4.13
C TYR A 3 21.16 32.48 2.77
N GLU A 4 21.97 32.53 1.71
CA GLU A 4 21.47 32.53 0.34
C GLU A 4 22.11 31.34 -0.37
N ASP A 5 21.32 30.30 -0.58
CA ASP A 5 21.78 29.08 -1.21
C ASP A 5 22.50 29.40 -2.52
N PRO A 6 23.69 28.83 -2.76
CA PRO A 6 24.41 29.09 -4.03
C PRO A 6 23.60 28.60 -5.22
N PRO A 7 23.88 29.09 -6.43
CA PRO A 7 23.02 28.79 -7.58
C PRO A 7 23.12 27.34 -7.99
N ASP A 8 22.10 26.91 -8.74
CA ASP A 8 21.92 25.50 -9.06
C ASP A 8 23.02 25.05 -10.01
N GLN A 9 23.82 24.09 -9.55
CA GLN A 9 24.80 23.38 -10.38
C GLN A 9 24.12 22.18 -11.04
N LYS A 10 23.88 22.29 -12.35
CA LYS A 10 23.12 21.25 -13.04
C LYS A 10 24.00 20.40 -13.95
N THR A 11 25.32 20.40 -13.70
CA THR A 11 26.21 19.51 -14.43
C THR A 11 27.08 18.72 -13.44
N SER A 12 27.29 17.43 -13.78
CA SER A 12 28.02 16.54 -12.90
C SER A 12 29.50 16.94 -12.89
N PRO A 13 30.25 16.54 -11.86
CA PRO A 13 31.64 17.02 -11.77
C PRO A 13 32.50 16.56 -12.94
N SER A 14 32.04 15.58 -13.73
CA SER A 14 32.72 15.18 -14.95
C SER A 14 32.04 15.71 -16.21
N GLY A 15 31.13 16.67 -16.06
CA GLY A 15 30.45 17.28 -17.19
C GLY A 15 29.17 16.68 -17.73
N LYS A 16 28.57 15.74 -17.00
CA LYS A 16 27.32 15.14 -17.44
C LYS A 16 26.13 15.98 -16.98
N PRO A 17 25.18 16.23 -17.87
CA PRO A 17 24.02 17.05 -17.49
C PRO A 17 23.10 16.30 -16.55
N ALA A 18 22.57 17.01 -15.55
CA ALA A 18 21.61 16.37 -14.67
C ALA A 18 20.37 15.97 -15.45
N THR A 19 19.87 14.78 -15.15
CA THR A 19 18.70 14.20 -15.77
C THR A 19 17.64 13.81 -14.78
N LEU A 20 17.92 13.88 -13.49
CA LEU A 20 16.95 13.54 -12.48
C LEU A 20 16.97 14.61 -11.41
N LYS A 21 15.78 15.09 -11.05
CA LYS A 21 15.62 16.13 -10.04
C LYS A 21 14.60 15.63 -9.02
N ILE A 22 15.03 15.49 -7.77
CA ILE A 22 14.21 14.96 -6.70
C ILE A 22 14.05 16.02 -5.63
N CYS A 23 12.82 16.30 -5.26
CA CYS A 23 12.55 17.25 -4.20
C CYS A 23 11.84 16.56 -3.03
N SER A 24 12.28 16.91 -1.83
CA SER A 24 11.80 16.34 -0.57
C SER A 24 11.31 17.50 0.29
N TRP A 25 10.24 17.29 1.06
CA TRP A 25 9.71 18.41 1.83
C TRP A 25 8.84 17.92 2.96
N ASN A 26 9.22 18.26 4.19
CA ASN A 26 8.33 18.10 5.34
C ASN A 26 7.32 19.25 5.31
N VAL A 27 6.07 18.94 4.96
CA VAL A 27 5.04 19.97 4.79
C VAL A 27 4.25 20.23 6.07
N ASP A 28 4.53 19.47 7.12
CA ASP A 28 3.94 19.66 8.45
C ASP A 28 2.46 20.02 8.36
N GLY A 29 1.70 19.07 7.81
CA GLY A 29 0.30 19.31 7.54
C GLY A 29 0.02 19.61 6.08
N LEU A 30 -0.18 18.54 5.30
CA LEU A 30 -0.33 18.66 3.86
C LEU A 30 -1.47 19.61 3.50
N ARG A 31 -2.61 19.49 4.18
CA ARG A 31 -3.76 20.32 3.86
C ARG A 31 -3.52 21.79 4.19
N ALA A 32 -2.77 22.08 5.25
CA ALA A 32 -2.36 23.47 5.49
C ALA A 32 -1.39 23.95 4.42
N TRP A 33 -0.37 23.12 4.15
CA TRP A 33 0.62 23.42 3.13
C TRP A 33 -0.04 23.76 1.81
N ILE A 34 -1.02 22.95 1.40
CA ILE A 34 -1.70 23.20 0.14
C ILE A 34 -2.42 24.55 0.18
N LYS A 35 -3.16 24.82 1.26
CA LYS A 35 -3.85 26.09 1.37
C LYS A 35 -2.85 27.24 1.37
N LYS A 36 -1.70 27.05 2.00
CA LYS A 36 -0.65 28.05 1.94
C LYS A 36 0.15 28.00 0.66
N LYS A 37 -0.42 27.41 -0.39
CA LYS A 37 0.06 27.53 -1.77
C LYS A 37 1.29 26.68 -2.03
N GLY A 38 1.47 25.61 -1.28
CA GLY A 38 2.67 24.81 -1.47
C GLY A 38 2.75 24.15 -2.84
N LEU A 39 1.60 23.79 -3.40
CA LEU A 39 1.63 23.11 -4.68
C LEU A 39 2.10 24.04 -5.77
N ASP A 40 1.84 25.34 -5.61
CA ASP A 40 2.37 26.33 -6.56
C ASP A 40 3.88 26.23 -6.62
N TRP A 41 4.54 26.19 -5.46
CA TRP A 41 5.99 26.16 -5.43
C TRP A 41 6.54 24.91 -6.11
N VAL A 42 5.80 23.80 -6.02
CA VAL A 42 6.26 22.53 -6.60
C VAL A 42 6.14 22.54 -8.12
N LYS A 43 5.07 23.14 -8.65
CA LYS A 43 4.93 23.30 -10.09
C LYS A 43 6.05 24.17 -10.66
N GLU A 44 6.42 25.25 -9.97
CA GLU A 44 7.59 26.04 -10.37
C GLU A 44 8.85 25.22 -10.30
N GLU A 45 9.04 24.42 -9.22
CA GLU A 45 10.24 23.63 -9.06
C GLU A 45 10.26 22.44 -10.01
N ALA A 46 9.08 21.93 -10.36
CA ALA A 46 8.89 20.84 -11.33
C ALA A 46 9.90 19.69 -11.18
N PRO A 47 9.88 18.99 -10.05
CA PRO A 47 10.78 17.85 -9.90
C PRO A 47 10.23 16.61 -10.62
N ASP A 48 11.11 15.64 -10.82
CA ASP A 48 10.69 14.32 -11.29
C ASP A 48 10.06 13.51 -10.18
N ILE A 49 10.47 13.77 -8.94
CA ILE A 49 9.97 13.02 -7.80
C ILE A 49 9.82 14.02 -6.67
N LEU A 50 8.69 13.94 -5.97
CA LEU A 50 8.43 14.74 -4.79
C LEU A 50 8.18 13.78 -3.63
N CYS A 51 9.01 13.89 -2.60
CA CYS A 51 8.79 13.16 -1.36
C CYS A 51 8.28 14.16 -0.33
N LEU A 52 7.19 13.79 0.33
CA LEU A 52 6.55 14.65 1.31
C LEU A 52 6.64 13.97 2.66
N GLN A 53 6.86 14.75 3.72
CA GLN A 53 6.91 14.20 5.07
C GLN A 53 6.00 14.99 6.01
N GLU A 54 5.49 14.26 7.03
CA GLU A 54 4.56 14.78 8.04
C GLU A 54 3.27 15.31 7.38
N THR A 55 2.64 14.43 6.57
CA THR A 55 1.44 14.85 5.84
C THR A 55 0.26 15.10 6.79
N LYS A 56 0.13 14.28 7.84
CA LYS A 56 -1.00 14.39 8.75
C LYS A 56 -2.33 14.30 8.00
N CYS A 57 -2.38 13.43 7.01
CA CYS A 57 -3.58 13.34 6.20
C CYS A 57 -3.66 11.93 5.63
N SER A 58 -4.82 11.30 5.79
CA SER A 58 -5.05 9.98 5.22
C SER A 58 -5.36 10.09 3.74
N GLU A 59 -5.19 8.98 3.03
CA GLU A 59 -5.30 9.01 1.58
C GLU A 59 -6.65 9.56 1.13
N ASN A 60 -7.74 9.16 1.79
CA ASN A 60 -9.05 9.57 1.31
C ASN A 60 -9.37 11.04 1.62
N LYS A 61 -8.51 11.73 2.37
CA LYS A 61 -8.72 13.15 2.65
C LYS A 61 -7.83 14.07 1.82
N LEU A 62 -6.96 13.50 0.99
CA LEU A 62 -6.10 14.28 0.11
C LEU A 62 -6.94 15.22 -0.76
N PRO A 63 -6.59 16.50 -0.86
CA PRO A 63 -7.35 17.43 -1.71
C PRO A 63 -7.26 17.05 -3.18
N ALA A 64 -8.13 17.68 -3.96
CA ALA A 64 -8.18 17.33 -5.37
C ALA A 64 -6.99 17.88 -6.14
N GLU A 65 -6.49 19.08 -5.78
CA GLU A 65 -5.37 19.63 -6.56
C GLU A 65 -4.19 18.66 -6.63
N LEU A 66 -4.11 17.71 -5.68
CA LEU A 66 -3.03 16.72 -5.73
C LEU A 66 -3.14 15.78 -6.93
N GLN A 67 -4.36 15.46 -7.38
CA GLN A 67 -4.46 14.66 -8.60
C GLN A 67 -4.13 15.43 -9.87
N GLU A 68 -4.46 16.72 -9.93
CA GLU A 68 -4.33 17.48 -11.18
C GLU A 68 -2.86 17.85 -11.39
N LEU A 69 -1.94 17.05 -10.84
CA LEU A 69 -0.53 17.17 -11.20
C LEU A 69 -0.26 16.21 -12.35
N PRO A 70 -0.03 16.70 -13.58
CA PRO A 70 0.26 15.78 -14.70
C PRO A 70 1.64 15.17 -14.55
N GLY A 71 2.67 16.01 -14.35
CA GLY A 71 4.05 15.55 -14.30
C GLY A 71 4.44 14.78 -13.05
N LEU A 72 3.47 14.51 -12.18
CA LEU A 72 3.68 13.77 -10.94
C LEU A 72 2.43 12.94 -10.66
N SER A 73 2.06 12.07 -11.60
CA SER A 73 0.78 11.39 -11.52
C SER A 73 0.81 10.09 -10.73
N HIS A 74 2.01 9.53 -10.51
CA HIS A 74 2.17 8.31 -9.73
C HIS A 74 2.40 8.70 -8.27
N GLN A 75 1.44 8.39 -7.42
CA GLN A 75 1.40 8.86 -6.04
C GLN A 75 1.16 7.69 -5.11
N TYR A 76 1.83 7.69 -3.97
CA TYR A 76 1.82 6.58 -3.03
C TYR A 76 1.89 7.17 -1.64
N TRP A 77 0.99 6.73 -0.79
CA TRP A 77 0.81 7.40 0.48
C TRP A 77 0.87 6.36 1.57
N SER A 78 1.40 6.77 2.71
CA SER A 78 1.50 5.88 3.86
C SER A 78 1.23 6.73 5.09
N ALA A 79 0.11 6.45 5.74
CA ALA A 79 -0.25 7.08 7.00
C ALA A 79 -0.28 6.03 8.11
N PRO A 80 -0.24 6.47 9.38
CA PRO A 80 -0.32 5.52 10.49
C PRO A 80 -1.72 4.96 10.70
N SER A 81 -1.75 3.79 11.32
CA SER A 81 -2.99 3.03 11.48
C SER A 81 -3.81 3.46 12.67
N ASP A 82 -3.17 4.00 13.71
CA ASP A 82 -3.88 4.33 14.94
C ASP A 82 -4.11 5.81 15.13
N LYS A 83 -3.12 6.65 14.82
CA LYS A 83 -3.11 8.06 15.17
C LYS A 83 -3.50 8.89 13.95
N GLU A 84 -4.75 9.37 13.94
CA GLU A 84 -5.22 10.27 12.90
C GLU A 84 -4.52 11.62 13.00
N GLY A 85 -4.17 12.20 11.86
CA GLY A 85 -3.56 13.53 11.87
C GLY A 85 -2.17 13.58 12.45
N TYR A 86 -1.41 12.49 12.30
CA TYR A 86 -0.07 12.33 12.85
C TYR A 86 0.82 11.68 11.80
N SER A 87 2.05 12.17 11.66
CA SER A 87 3.07 11.52 10.83
C SER A 87 2.56 11.42 9.37
N GLY A 88 2.89 10.35 8.64
CA GLY A 88 2.48 10.23 7.26
C GLY A 88 3.44 10.78 6.23
N VAL A 89 3.82 9.95 5.25
CA VAL A 89 4.72 10.34 4.17
C VAL A 89 4.06 10.09 2.81
N GLY A 90 4.62 10.77 1.80
CA GLY A 90 4.11 10.66 0.44
C GLY A 90 5.25 10.62 -0.57
N LEU A 91 4.97 9.97 -1.68
CA LEU A 91 5.93 9.89 -2.76
C LEU A 91 5.17 10.02 -4.06
N LEU A 92 5.53 11.03 -4.85
CA LEU A 92 4.90 11.30 -6.14
C LEU A 92 6.00 11.34 -7.18
N SER A 93 5.82 10.62 -8.29
CA SER A 93 6.84 10.63 -9.33
CA SER A 93 6.84 10.59 -9.33
C SER A 93 6.22 10.76 -10.71
N ARG A 94 6.99 11.37 -11.60
CA ARG A 94 6.61 11.48 -13.01
C ARG A 94 6.52 10.11 -13.65
N GLN A 95 7.55 9.29 -13.47
CA GLN A 95 7.55 7.94 -14.02
C GLN A 95 7.28 6.94 -12.91
N ALA A 96 6.38 5.99 -13.19
CA ALA A 96 6.05 4.94 -12.25
C ALA A 96 7.29 4.16 -11.85
N PRO A 97 7.46 3.85 -10.58
CA PRO A 97 8.60 3.04 -10.17
C PRO A 97 8.39 1.57 -10.49
N LEU A 98 9.44 0.79 -10.24
CA LEU A 98 9.35 -0.65 -10.41
C LEU A 98 8.71 -1.31 -9.21
N LYS A 99 9.06 -0.87 -7.99
CA LYS A 99 8.56 -1.43 -6.75
C LYS A 99 8.27 -0.31 -5.78
N VAL A 100 7.15 -0.40 -5.07
CA VAL A 100 6.88 0.46 -3.94
C VAL A 100 6.59 -0.42 -2.75
N SER A 101 7.09 -0.04 -1.58
CA SER A 101 6.76 -0.77 -0.38
C SER A 101 6.78 0.18 0.80
N TYR A 102 6.17 -0.22 1.91
CA TYR A 102 6.03 0.65 3.07
C TYR A 102 6.69 -0.01 4.27
N GLY A 103 7.36 0.81 5.07
CA GLY A 103 8.03 0.33 6.26
C GLY A 103 9.43 -0.19 6.01
N ILE A 104 10.10 -0.52 7.12
CA ILE A 104 11.48 -1.00 7.12
C ILE A 104 11.53 -2.43 7.63
N GLY A 105 10.50 -3.22 7.37
CA GLY A 105 10.59 -4.63 7.69
C GLY A 105 10.32 -5.05 9.13
N ASP A 106 10.74 -4.27 10.15
CA ASP A 106 10.38 -4.56 11.54
C ASP A 106 8.85 -4.46 11.74
N GLU A 107 8.34 -4.80 12.90
CA GLU A 107 6.95 -4.47 13.21
C GLU A 107 6.71 -3.45 14.29
N GLU A 108 7.60 -3.41 15.28
CA GLU A 108 7.66 -2.33 16.25
C GLU A 108 7.88 -0.97 15.58
N HIS A 109 8.20 -0.93 14.28
CA HIS A 109 8.64 0.32 13.66
C HIS A 109 7.91 0.76 12.40
N ASP A 110 7.10 -0.14 11.84
CA ASP A 110 6.33 0.13 10.60
C ASP A 110 4.85 0.29 10.98
N GLN A 111 4.57 0.97 12.09
CA GLN A 111 3.20 1.21 12.50
C GLN A 111 2.80 2.67 12.32
N GLU A 112 3.67 3.53 11.79
CA GLU A 112 3.39 4.97 11.82
C GLU A 112 3.45 5.66 10.47
N GLY A 113 3.61 4.92 9.38
CA GLY A 113 3.70 5.55 8.09
C GLY A 113 4.84 6.55 8.02
N ARG A 114 6.07 6.07 8.21
CA ARG A 114 7.23 6.96 8.19
C ARG A 114 8.16 6.74 7.02
N VAL A 115 7.96 5.70 6.22
CA VAL A 115 8.95 5.26 5.24
C VAL A 115 8.25 4.72 4.01
N ILE A 116 8.67 5.19 2.84
CA ILE A 116 8.25 4.63 1.57
C ILE A 116 9.51 4.26 0.80
N VAL A 117 9.55 3.06 0.26
CA VAL A 117 10.68 2.63 -0.56
C VAL A 117 10.20 2.51 -1.99
N ALA A 118 10.79 3.31 -2.87
CA ALA A 118 10.49 3.33 -4.30
C ALA A 118 11.74 2.87 -5.06
N GLU A 119 11.58 1.83 -5.86
CA GLU A 119 12.68 1.30 -6.67
C GLU A 119 12.55 1.71 -8.13
N PHE A 120 13.64 2.24 -8.69
CA PHE A 120 13.70 2.65 -10.11
C PHE A 120 14.82 1.87 -10.81
N ASP A 121 14.91 2.08 -12.13
CA ASP A 121 15.80 1.29 -12.98
C ASP A 121 17.23 1.26 -12.43
N SER A 122 17.76 2.42 -12.07
CA SER A 122 19.15 2.55 -11.68
C SER A 122 19.38 2.78 -10.19
N PHE A 123 18.39 3.26 -9.45
CA PHE A 123 18.57 3.54 -8.03
C PHE A 123 17.32 3.16 -7.24
N VAL A 124 17.50 3.07 -5.93
CA VAL A 124 16.43 2.87 -4.98
C VAL A 124 16.26 4.13 -4.16
N LEU A 125 15.04 4.68 -4.14
CA LEU A 125 14.73 5.87 -3.37
C LEU A 125 13.94 5.49 -2.11
N VAL A 126 14.45 5.89 -0.95
CA VAL A 126 13.76 5.75 0.33
C VAL A 126 13.44 7.13 0.84
N THR A 127 12.26 7.32 1.40
CA THR A 127 11.98 8.59 2.05
C THR A 127 11.46 8.33 3.46
N ALA A 128 11.99 9.10 4.42
CA ALA A 128 11.77 8.84 5.83
C ALA A 128 11.26 10.10 6.53
N TYR A 129 10.48 9.87 7.58
CA TYR A 129 10.08 10.88 8.57
C TYR A 129 10.46 10.23 9.89
N VAL A 130 11.72 10.40 10.26
CA VAL A 130 12.37 9.69 11.37
C VAL A 130 11.70 10.11 12.68
N PRO A 131 11.51 9.20 13.63
CA PRO A 131 10.74 9.57 14.82
C PRO A 131 11.49 10.58 15.66
N ASN A 132 10.75 11.57 16.14
CA ASN A 132 11.30 12.65 16.95
C ASN A 132 11.49 12.21 18.41
N ALA A 133 12.60 12.63 19.02
CA ALA A 133 12.86 12.26 20.41
C ALA A 133 11.94 12.99 21.39
N GLY A 134 11.15 13.95 20.92
CA GLY A 134 10.14 14.55 21.74
C GLY A 134 10.62 15.52 22.80
N ARG A 135 9.70 16.36 23.26
CA ARG A 135 9.93 17.28 24.36
C ARG A 135 10.38 16.51 25.61
N GLY A 136 11.51 16.92 26.19
CA GLY A 136 12.06 16.20 27.32
C GLY A 136 12.55 14.80 27.04
N LEU A 137 12.86 14.49 25.78
CA LEU A 137 13.48 13.22 25.39
C LEU A 137 12.60 12.01 25.74
N VAL A 138 11.31 12.23 25.92
CA VAL A 138 10.40 11.15 26.27
C VAL A 138 10.50 9.94 25.33
N ARG A 139 10.86 10.17 24.06
CA ARG A 139 10.92 9.10 23.08
C ARG A 139 12.32 8.85 22.55
N LEU A 140 13.35 9.38 23.22
CA LEU A 140 14.72 9.23 22.73
C LEU A 140 15.12 7.76 22.67
N GLU A 141 14.82 7.01 23.73
CA GLU A 141 15.17 5.60 23.76
C GLU A 141 14.46 4.82 22.66
N TYR A 142 13.21 5.19 22.35
CA TYR A 142 12.58 4.61 21.17
C TYR A 142 13.32 5.03 19.90
N ARG A 143 13.71 6.30 19.83
CA ARG A 143 14.39 6.81 18.65
C ARG A 143 15.65 6.00 18.37
N GLN A 144 16.38 5.64 19.43
CA GLN A 144 17.62 4.90 19.24
C GLN A 144 17.36 3.49 18.76
N ARG A 145 16.28 2.87 19.22
CA ARG A 145 15.90 1.56 18.71
C ARG A 145 15.51 1.66 17.24
N TRP A 146 14.81 2.74 16.89
CA TRP A 146 14.44 2.98 15.49
C TRP A 146 15.69 3.04 14.62
N ASP A 147 16.57 3.98 14.93
CA ASP A 147 17.83 4.17 14.24
C ASP A 147 18.50 2.86 13.89
N GLU A 148 18.67 1.97 14.87
CA GLU A 148 19.39 0.75 14.60
C GLU A 148 18.63 -0.12 13.60
N ALA A 149 17.31 -0.11 13.69
CA ALA A 149 16.53 -0.92 12.76
C ALA A 149 16.58 -0.33 11.36
N PHE A 150 16.39 0.99 11.27
CA PHE A 150 16.46 1.69 9.99
C PHE A 150 17.82 1.45 9.33
N ARG A 151 18.88 1.60 10.12
CA ARG A 151 20.26 1.39 9.66
C ARG A 151 20.44 0.03 9.03
N LYS A 152 19.99 -1.03 9.73
CA LYS A 152 20.11 -2.38 9.17
C LYS A 152 19.23 -2.55 7.94
N PHE A 153 18.06 -1.90 7.92
CA PHE A 153 17.19 -2.01 6.77
C PHE A 153 17.87 -1.44 5.53
N LEU A 154 18.51 -0.28 5.67
CA LEU A 154 19.09 0.38 4.51
C LEU A 154 20.30 -0.41 3.96
N LYS A 155 21.14 -0.90 4.84
CA LYS A 155 22.27 -1.68 4.43
C LYS A 155 21.80 -2.90 3.69
N GLY A 156 20.88 -3.65 4.29
CA GLY A 156 20.35 -4.85 3.66
C GLY A 156 19.56 -4.51 2.41
N LEU A 157 19.89 -3.38 1.80
CA LEU A 157 19.21 -2.94 0.59
C LEU A 157 20.14 -2.21 -0.37
N ALA A 158 21.06 -1.41 0.18
CA ALA A 158 21.97 -0.68 -0.63
C ALA A 158 23.00 -1.61 -1.21
N SER A 159 22.78 -2.91 -1.17
CA SER A 159 23.76 -3.84 -1.70
C SER A 159 23.22 -4.59 -2.92
N ARG A 160 22.07 -4.19 -3.46
CA ARG A 160 21.65 -4.52 -4.82
C ARG A 160 21.76 -3.32 -5.76
N LYS A 161 21.23 -2.19 -5.32
CA LYS A 161 21.14 -0.98 -6.11
C LYS A 161 21.61 0.15 -5.21
N PRO A 162 22.10 1.23 -5.80
CA PRO A 162 22.53 2.38 -4.99
C PRO A 162 21.34 3.07 -4.36
N LEU A 163 21.60 3.75 -3.24
CA LEU A 163 20.55 4.20 -2.35
C LEU A 163 20.46 5.72 -2.35
N VAL A 164 19.26 6.23 -2.59
CA VAL A 164 18.92 7.60 -2.27
C VAL A 164 17.96 7.54 -1.10
N LEU A 165 18.40 8.02 0.05
CA LEU A 165 17.54 8.34 1.18
C LEU A 165 17.38 9.85 1.28
N CYS A 166 16.13 10.30 1.44
CA CYS A 166 15.80 11.70 1.63
C CYS A 166 14.67 11.82 2.64
N GLY A 167 14.49 13.03 3.17
CA GLY A 167 13.44 13.29 4.11
C GLY A 167 13.95 13.90 5.39
N ASP A 168 13.08 13.89 6.40
CA ASP A 168 13.36 14.51 7.69
C ASP A 168 13.96 13.44 8.61
N LEU A 169 15.27 13.53 8.81
CA LEU A 169 15.99 12.62 9.69
C LEU A 169 16.12 13.11 11.13
N ASN A 170 15.54 14.27 11.44
CA ASN A 170 15.33 14.77 12.81
C ASN A 170 16.61 14.74 13.66
N VAL A 171 17.72 15.10 13.03
CA VAL A 171 19.00 15.23 13.71
C VAL A 171 19.80 16.28 12.96
N ALA A 172 20.49 17.13 13.70
CA ALA A 172 21.50 18.03 13.14
C ALA A 172 22.84 17.35 13.38
N HIS A 173 23.42 16.78 12.33
CA HIS A 173 24.60 15.92 12.48
C HIS A 173 25.69 16.59 13.31
N GLU A 174 25.97 17.86 13.06
CA GLU A 174 27.08 18.56 13.68
C GLU A 174 26.64 19.98 14.01
N GLU A 175 27.47 20.65 14.82
CA GLU A 175 27.18 22.00 15.30
C GLU A 175 27.03 22.98 14.14
N ILE A 176 27.79 22.76 13.06
CA ILE A 176 27.57 23.45 11.79
C ILE A 176 26.09 23.47 11.40
N ASP A 177 25.34 22.41 11.74
CA ASP A 177 24.01 22.19 11.20
C ASP A 177 22.88 22.81 12.01
N LEU A 178 23.20 23.66 12.98
CA LEU A 178 22.21 24.37 13.76
C LEU A 178 22.84 25.65 14.27
N ARG A 179 21.96 26.56 14.71
CA ARG A 179 22.33 27.93 15.07
C ARG A 179 22.72 28.06 16.54
N ASN A 180 22.06 27.32 17.44
CA ASN A 180 22.34 27.35 18.87
C ASN A 180 22.74 25.95 19.34
N PRO A 181 23.88 25.42 18.87
CA PRO A 181 24.21 24.03 19.18
C PRO A 181 24.40 23.70 20.66
N LYS A 182 24.61 24.66 21.56
CA LYS A 182 24.88 24.21 22.93
C LYS A 182 23.75 24.50 23.90
N GLY A 183 22.87 25.47 23.60
CA GLY A 183 21.57 25.53 24.23
C GLY A 183 20.66 24.35 23.87
N ASN A 184 21.16 23.45 22.99
CA ASN A 184 20.33 22.39 22.41
C ASN A 184 20.92 21.00 22.59
N LYS A 185 21.89 20.80 23.48
CA LYS A 185 22.45 19.46 23.54
C LYS A 185 21.61 18.49 24.35
N LYS A 186 20.62 18.98 25.09
CA LYS A 186 19.67 18.08 25.71
C LYS A 186 18.28 18.15 25.06
N ASN A 187 18.16 18.88 23.95
CA ASN A 187 16.93 18.96 23.17
C ASN A 187 16.93 17.98 21.99
N ALA A 188 15.73 17.54 21.63
CA ALA A 188 15.55 16.59 20.55
C ALA A 188 16.15 17.11 19.25
N GLY A 189 17.01 16.30 18.65
CA GLY A 189 17.60 16.63 17.37
C GLY A 189 19.06 16.95 17.44
N PHE A 190 19.56 17.35 18.62
CA PHE A 190 20.99 17.49 18.87
C PHE A 190 21.44 16.71 20.09
N THR A 191 20.80 15.55 20.37
CA THR A 191 21.45 14.85 21.45
C THR A 191 22.62 14.03 20.91
N PRO A 192 23.62 13.82 21.76
CA PRO A 192 24.75 12.96 21.36
C PRO A 192 24.31 11.63 20.82
N GLN A 193 23.29 11.02 21.44
CA GLN A 193 22.79 9.72 21.01
C GLN A 193 22.21 9.80 19.60
N GLU A 194 21.42 10.85 19.34
CA GLU A 194 20.94 11.09 17.98
C GLU A 194 22.11 11.31 17.01
N ARG A 195 23.00 12.25 17.34
CA ARG A 195 24.12 12.58 16.46
C ARG A 195 24.94 11.37 16.07
N GLN A 196 25.42 10.61 17.06
CA GLN A 196 26.23 9.44 16.77
C GLN A 196 25.45 8.40 15.96
N GLY A 197 24.12 8.38 16.13
CA GLY A 197 23.30 7.52 15.27
C GLY A 197 23.38 7.91 13.81
N PHE A 198 23.32 9.21 13.52
CA PHE A 198 23.55 9.68 12.15
C PHE A 198 24.89 9.19 11.61
N GLY A 199 25.98 9.43 12.34
CA GLY A 199 27.27 8.89 11.93
C GLY A 199 27.23 7.39 11.76
N GLU A 200 26.55 6.69 12.65
CA GLU A 200 26.41 5.26 12.47
C GLU A 200 25.76 4.94 11.12
N LEU A 201 24.77 5.74 10.75
CA LEU A 201 24.09 5.56 9.48
C LEU A 201 25.04 5.80 8.32
N LEU A 202 25.84 6.88 8.41
CA LEU A 202 26.85 7.21 7.41
C LEU A 202 27.96 6.14 7.29
N GLN A 203 28.35 5.52 8.40
CA GLN A 203 29.38 4.50 8.30
C GLN A 203 28.82 3.14 7.89
N ALA A 204 27.68 2.74 8.44
CA ALA A 204 27.27 1.36 8.30
C ALA A 204 26.76 1.05 6.90
N VAL A 205 26.00 1.96 6.29
CA VAL A 205 25.26 1.58 5.07
C VAL A 205 26.19 1.26 3.90
N PRO A 206 27.17 2.13 3.58
CA PRO A 206 27.40 3.50 4.04
C PRO A 206 26.63 4.49 3.16
N LEU A 207 26.59 5.76 3.57
CA LEU A 207 26.01 6.84 2.77
C LEU A 207 26.88 8.09 2.89
N ALA A 208 26.53 9.09 2.08
CA ALA A 208 27.19 10.40 2.06
C ALA A 208 26.13 11.50 2.09
N ASP A 209 26.37 12.52 2.92
CA ASP A 209 25.51 13.70 3.05
C ASP A 209 25.75 14.61 1.84
N SER A 210 24.82 14.60 0.88
CA SER A 210 25.00 15.35 -0.37
C SER A 210 25.35 16.81 -0.11
N PHE A 211 24.60 17.46 0.78
CA PHE A 211 24.86 18.88 1.00
C PHE A 211 26.21 19.09 1.64
N ARG A 212 26.61 18.22 2.57
CA ARG A 212 27.86 18.49 3.25
C ARG A 212 29.05 17.97 2.46
N HIS A 213 28.82 17.08 1.51
CA HIS A 213 29.85 16.70 0.56
C HIS A 213 30.07 17.76 -0.52
N LEU A 214 29.11 18.66 -0.74
CA LEU A 214 29.35 19.76 -1.66
C LEU A 214 29.68 21.06 -0.95
N TYR A 215 29.45 21.16 0.35
CA TYR A 215 29.65 22.41 1.08
C TYR A 215 30.14 22.09 2.48
N PRO A 216 31.34 21.50 2.58
CA PRO A 216 31.77 20.95 3.87
C PRO A 216 32.01 22.00 4.94
N ASN A 217 32.01 23.28 4.62
CA ASN A 217 32.14 24.24 5.69
C ASN A 217 31.27 25.45 5.50
N THR A 218 30.14 25.29 4.81
CA THR A 218 29.19 26.38 4.65
C THR A 218 28.26 26.45 5.86
N PRO A 219 28.19 27.59 6.55
CA PRO A 219 27.39 27.65 7.77
C PRO A 219 26.04 28.27 7.51
N TYR A 220 25.18 28.25 8.54
CA TYR A 220 23.90 28.95 8.58
C TYR A 220 22.86 28.37 7.61
N ALA A 221 23.08 27.15 7.13
CA ALA A 221 22.26 26.55 6.08
C ALA A 221 21.32 25.53 6.73
N TYR A 222 20.12 25.98 7.04
CA TYR A 222 19.12 25.21 7.75
C TYR A 222 17.93 24.89 6.85
N THR A 223 17.18 23.85 7.22
CA THR A 223 15.92 23.52 6.57
C THR A 223 14.70 23.73 7.46
N PHE A 224 14.88 23.86 8.78
CA PHE A 224 13.79 23.91 9.74
C PHE A 224 13.93 25.10 10.67
N TRP A 225 12.83 25.82 10.88
CA TRP A 225 12.82 26.89 11.87
C TRP A 225 11.54 26.76 12.67
N THR A 226 11.63 26.90 13.99
CA THR A 226 10.42 26.83 14.78
C THR A 226 9.54 28.04 14.48
N TYR A 227 8.23 27.78 14.40
CA TYR A 227 7.27 28.87 14.25
C TYR A 227 7.41 29.88 15.37
N MET A 228 7.91 29.44 16.51
CA MET A 228 7.92 30.32 17.67
C MET A 228 9.02 31.36 17.57
N MET A 229 8.67 32.60 17.92
CA MET A 229 9.62 33.69 18.12
C MET A 229 10.33 34.10 16.85
N ASN A 230 9.64 34.01 15.71
CA ASN A 230 10.16 34.47 14.42
C ASN A 230 11.52 33.85 14.12
N ALA A 231 11.73 32.62 14.58
CA ALA A 231 13.01 31.96 14.38
C ALA A 231 13.43 31.95 12.91
N ARG A 232 12.46 31.98 12.01
CA ARG A 232 12.81 31.88 10.60
C ARG A 232 13.39 33.18 10.08
N SER A 233 12.82 34.32 10.48
CA SER A 233 13.38 35.60 10.07
C SER A 233 14.80 35.78 10.58
N LYS A 234 15.02 35.43 11.83
CA LYS A 234 16.36 35.55 12.40
C LYS A 234 17.33 34.45 11.90
N ASN A 235 16.88 33.68 10.91
CA ASN A 235 17.56 32.48 10.42
C ASN A 235 18.12 31.61 11.55
N VAL A 236 17.47 31.58 12.71
CA VAL A 236 17.90 30.69 13.79
C VAL A 236 17.16 29.37 13.54
N GLY A 237 17.91 28.39 13.03
CA GLY A 237 17.28 27.21 12.51
C GLY A 237 18.21 26.01 12.51
N TRP A 238 17.66 24.88 12.04
CA TRP A 238 18.31 23.58 12.07
C TRP A 238 18.31 22.97 10.68
N ARG A 239 19.24 22.06 10.42
CA ARG A 239 19.24 21.30 9.19
C ARG A 239 18.82 19.88 9.55
N LEU A 240 17.55 19.56 9.28
CA LEU A 240 16.99 18.26 9.59
C LEU A 240 16.74 17.40 8.36
N ASP A 241 16.79 17.97 7.17
CA ASP A 241 16.36 17.30 5.95
C ASP A 241 17.57 17.02 5.06
N TYR A 242 17.73 15.77 4.66
CA TYR A 242 18.92 15.32 3.98
C TYR A 242 18.58 14.64 2.66
N PHE A 243 19.55 14.66 1.76
CA PHE A 243 19.74 13.62 0.75
C PHE A 243 20.99 12.87 1.14
N LEU A 244 20.88 11.55 1.32
CA LEU A 244 22.02 10.70 1.62
C LEU A 244 22.22 9.72 0.47
N LEU A 245 23.47 9.60 0.00
CA LEU A 245 23.76 8.85 -1.22
C LEU A 245 24.68 7.69 -0.94
N SER A 246 24.40 6.56 -1.60
CA SER A 246 25.42 5.57 -1.83
C SER A 246 26.65 6.22 -2.45
N HIS A 247 27.82 5.62 -2.14
N HIS A 247 27.82 5.66 -2.17
CA HIS A 247 29.11 6.16 -2.59
CA HIS A 247 29.02 6.33 -2.64
C HIS A 247 29.18 6.19 -4.11
C HIS A 247 29.20 6.21 -4.14
N SER A 248 28.68 5.14 -4.76
CA SER A 248 28.66 5.04 -6.23
C SER A 248 27.77 6.08 -6.88
N LEU A 249 27.13 6.98 -6.13
CA LEU A 249 26.28 8.01 -6.69
C LEU A 249 26.87 9.39 -6.57
N LEU A 250 28.00 9.54 -5.90
CA LEU A 250 28.64 10.84 -5.83
C LEU A 250 29.16 11.25 -7.21
N PRO A 251 29.75 10.33 -7.99
CA PRO A 251 30.06 10.70 -9.38
C PRO A 251 28.88 11.33 -10.09
N ALA A 252 27.66 10.87 -9.81
CA ALA A 252 26.45 11.41 -10.44
C ALA A 252 25.90 12.68 -9.77
N LEU A 253 26.45 13.11 -8.63
CA LEU A 253 25.84 14.20 -7.87
C LEU A 253 26.17 15.56 -8.49
N CYS A 254 25.14 16.31 -8.86
CA CYS A 254 25.34 17.65 -9.41
C CYS A 254 25.11 18.72 -8.36
N ASP A 255 23.99 18.67 -7.63
CA ASP A 255 23.80 19.67 -6.58
C ASP A 255 22.74 19.23 -5.57
N SER A 256 22.88 19.76 -4.37
CA SER A 256 21.95 19.52 -3.27
C SER A 256 21.57 20.87 -2.71
N LYS A 257 20.34 21.31 -2.97
CA LYS A 257 19.88 22.66 -2.68
C LYS A 257 19.10 22.70 -1.36
N ILE A 258 19.14 23.86 -0.72
CA ILE A 258 18.23 24.17 0.38
C ILE A 258 17.37 25.36 -0.07
N ARG A 259 16.09 25.10 -0.35
CA ARG A 259 15.21 26.12 -0.93
C ARG A 259 14.63 26.99 0.17
N SER A 260 15.51 27.86 0.67
CA SER A 260 15.25 28.65 1.87
C SER A 260 13.95 29.44 1.80
N LYS A 261 13.53 29.88 0.61
CA LYS A 261 12.47 30.89 0.50
C LYS A 261 11.07 30.31 0.28
N ALA A 262 10.94 29.08 -0.18
CA ALA A 262 9.62 28.48 -0.32
C ALA A 262 8.95 28.41 1.03
N LEU A 263 7.68 28.80 1.08
CA LEU A 263 6.94 28.81 2.34
C LEU A 263 5.87 27.73 2.33
N GLY A 264 5.23 27.56 3.49
CA GLY A 264 4.10 26.65 3.62
C GLY A 264 4.19 25.68 4.79
N SER A 265 5.31 25.71 5.51
CA SER A 265 5.58 24.73 6.54
C SER A 265 6.66 25.30 7.44
N ASP A 266 6.90 24.65 8.56
CA ASP A 266 8.07 25.11 9.30
C ASP A 266 9.36 24.49 8.75
N HIS A 267 9.28 23.68 7.70
CA HIS A 267 10.46 23.27 6.94
C HIS A 267 10.39 23.87 5.55
N CYS A 268 11.55 23.92 4.92
CA CYS A 268 11.68 24.35 3.56
C CYS A 268 12.07 23.16 2.69
N PRO A 269 11.78 23.20 1.40
CA PRO A 269 12.16 22.10 0.52
C PRO A 269 13.67 21.97 0.37
N ILE A 270 14.07 20.76 0.03
CA ILE A 270 15.43 20.50 -0.44
C ILE A 270 15.30 19.83 -1.81
N THR A 271 16.29 20.05 -2.65
CA THR A 271 16.23 19.55 -4.01
C THR A 271 17.58 18.97 -4.39
N LEU A 272 17.55 17.80 -5.00
CA LEU A 272 18.73 17.07 -5.43
C LEU A 272 18.74 16.97 -6.94
N TYR A 273 19.93 17.13 -7.53
CA TYR A 273 20.15 17.03 -8.96
C TYR A 273 21.16 15.91 -9.19
N LEU A 274 20.72 14.83 -9.80
CA LEU A 274 21.63 13.77 -10.19
C LEU A 274 21.77 13.74 -11.70
N ALA A 275 22.88 13.14 -12.15
CA ALA A 275 23.14 12.86 -13.56
C ALA A 275 23.17 11.35 -13.74
N LEU A 276 22.25 10.84 -14.54
CA LEU A 276 22.11 9.39 -14.70
C LEU A 276 21.89 8.96 -16.18
N LEU B 2 -21.15 -24.23 -23.30
CA LEU B 2 -20.10 -23.26 -23.60
C LEU B 2 -20.67 -21.84 -23.53
N TYR B 3 -19.81 -20.89 -23.15
CA TYR B 3 -20.31 -19.68 -22.52
C TYR B 3 -19.41 -18.48 -22.75
N GLU B 4 -20.04 -17.31 -22.94
CA GLU B 4 -19.25 -16.05 -23.11
C GLU B 4 -19.98 -14.93 -22.34
N ASP B 5 -19.25 -14.19 -21.50
CA ASP B 5 -19.85 -13.12 -20.67
C ASP B 5 -20.02 -11.84 -21.51
N PRO B 6 -21.20 -11.17 -21.50
CA PRO B 6 -21.41 -9.89 -22.20
C PRO B 6 -20.39 -8.78 -21.94
N PRO B 7 -20.27 -7.74 -22.82
CA PRO B 7 -19.35 -6.61 -22.61
C PRO B 7 -19.47 -5.91 -21.24
N ASP B 8 -18.40 -5.20 -20.83
CA ASP B 8 -18.40 -4.60 -19.50
C ASP B 8 -19.35 -3.41 -19.48
N GLN B 9 -20.34 -3.46 -18.60
CA GLN B 9 -21.19 -2.31 -18.34
C GLN B 9 -20.52 -1.47 -17.26
N LYS B 10 -20.17 -0.22 -17.60
CA LYS B 10 -19.47 0.65 -16.66
C LYS B 10 -20.31 1.87 -16.25
N THR B 11 -21.63 1.84 -16.45
CA THR B 11 -22.52 2.87 -15.92
C THR B 11 -23.71 2.22 -15.24
N SER B 12 -24.04 2.72 -14.03
CA SER B 12 -25.09 2.25 -13.14
C SER B 12 -26.46 2.35 -13.82
N PRO B 13 -27.50 1.70 -13.29
CA PRO B 13 -28.85 1.98 -13.79
C PRO B 13 -29.22 3.45 -13.68
N SER B 14 -28.76 4.10 -12.61
CA SER B 14 -28.90 5.55 -12.48
C SER B 14 -28.19 6.30 -13.60
N GLY B 15 -27.13 5.73 -14.17
CA GLY B 15 -26.35 6.41 -15.18
C GLY B 15 -25.05 7.04 -14.70
N LYS B 16 -24.52 6.60 -13.55
CA LYS B 16 -23.24 7.04 -13.02
C LYS B 16 -22.13 6.10 -13.49
N PRO B 17 -20.98 6.63 -13.95
CA PRO B 17 -19.88 5.74 -14.34
C PRO B 17 -19.08 5.24 -13.15
N ALA B 18 -18.65 3.98 -13.25
CA ALA B 18 -18.06 3.28 -12.12
C ALA B 18 -16.71 3.86 -11.72
N THR B 19 -16.45 3.85 -10.42
CA THR B 19 -15.23 4.36 -9.83
C THR B 19 -14.40 3.28 -9.15
N LEU B 20 -14.94 2.08 -9.05
CA LEU B 20 -14.31 1.01 -8.31
C LEU B 20 -14.39 -0.26 -9.14
N LYS B 21 -13.22 -0.82 -9.44
CA LYS B 21 -13.09 -2.10 -10.09
C LYS B 21 -12.43 -3.04 -9.09
N ILE B 22 -13.18 -4.06 -8.63
CA ILE B 22 -12.64 -5.09 -7.75
C ILE B 22 -12.55 -6.40 -8.50
N CYS B 23 -11.43 -7.07 -8.34
CA CYS B 23 -11.20 -8.35 -8.98
C CYS B 23 -10.90 -9.33 -7.89
N SER B 24 -11.51 -10.52 -7.98
CA SER B 24 -11.31 -11.57 -7.00
C SER B 24 -10.96 -12.86 -7.73
N TRP B 25 -10.08 -13.65 -7.12
CA TRP B 25 -9.51 -14.79 -7.84
C TRP B 25 -8.96 -15.81 -6.86
N ASN B 26 -9.47 -17.03 -6.93
CA ASN B 26 -8.89 -18.16 -6.20
C ASN B 26 -7.73 -18.69 -7.04
N VAL B 27 -6.49 -18.35 -6.65
CA VAL B 27 -5.32 -18.66 -7.47
C VAL B 27 -4.78 -20.07 -7.23
N ASP B 28 -5.29 -20.79 -6.23
CA ASP B 28 -4.91 -22.17 -5.95
C ASP B 28 -3.39 -22.38 -6.03
N GLY B 29 -2.66 -21.62 -5.20
CA GLY B 29 -1.21 -21.67 -5.24
C GLY B 29 -0.61 -20.43 -5.85
N LEU B 30 -0.32 -19.46 -5.00
CA LEU B 30 0.11 -18.15 -5.44
C LEU B 30 1.39 -18.26 -6.25
N ARG B 31 2.28 -19.16 -5.86
CA ARG B 31 3.54 -19.35 -6.56
C ARG B 31 3.31 -19.91 -7.96
N ALA B 32 2.50 -20.98 -8.08
CA ALA B 32 2.26 -21.59 -9.39
C ALA B 32 1.43 -20.67 -10.27
N TRP B 33 0.48 -19.96 -9.68
CA TRP B 33 -0.27 -18.96 -10.43
C TRP B 33 0.65 -17.88 -11.02
N ILE B 34 1.70 -17.50 -10.29
CA ILE B 34 2.58 -16.44 -10.75
C ILE B 34 3.52 -16.94 -11.84
N LYS B 35 4.05 -18.15 -11.69
CA LYS B 35 4.81 -18.73 -12.79
C LYS B 35 3.96 -18.85 -14.06
N LYS B 36 2.62 -18.91 -13.91
CA LYS B 36 1.67 -18.98 -15.04
C LYS B 36 1.12 -17.61 -15.44
N LYS B 37 1.79 -16.52 -15.05
CA LYS B 37 1.61 -15.19 -15.60
C LYS B 37 0.36 -14.49 -15.10
N GLY B 38 -0.23 -15.01 -14.01
CA GLY B 38 -1.41 -14.37 -13.43
C GLY B 38 -1.22 -12.88 -13.16
N LEU B 39 -0.07 -12.50 -12.60
CA LEU B 39 0.17 -11.09 -12.34
C LEU B 39 0.15 -10.25 -13.62
N ASP B 40 0.52 -10.83 -14.77
CA ASP B 40 0.36 -10.07 -16.02
C ASP B 40 -1.11 -9.83 -16.31
N TRP B 41 -1.96 -10.83 -16.07
CA TRP B 41 -3.39 -10.65 -16.31
C TRP B 41 -3.97 -9.60 -15.37
N VAL B 42 -3.50 -9.58 -14.13
CA VAL B 42 -3.95 -8.57 -13.18
C VAL B 42 -3.57 -7.17 -13.64
N LYS B 43 -2.34 -7.02 -14.18
CA LYS B 43 -1.90 -5.71 -14.64
C LYS B 43 -2.71 -5.21 -15.83
N GLU B 44 -3.24 -6.11 -16.64
CA GLU B 44 -4.10 -5.73 -17.76
C GLU B 44 -5.54 -5.48 -17.32
N GLU B 45 -6.03 -6.22 -16.33
CA GLU B 45 -7.33 -5.93 -15.77
C GLU B 45 -7.28 -4.61 -15.01
N ALA B 46 -6.14 -4.36 -14.35
CA ALA B 46 -5.87 -3.12 -13.64
C ALA B 46 -7.00 -2.82 -12.63
N PRO B 47 -7.23 -3.70 -11.69
CA PRO B 47 -8.26 -3.44 -10.68
C PRO B 47 -7.79 -2.39 -9.69
N ASP B 48 -8.76 -1.77 -9.02
CA ASP B 48 -8.42 -0.92 -7.88
C ASP B 48 -8.15 -1.75 -6.62
N ILE B 49 -8.82 -2.89 -6.49
CA ILE B 49 -8.58 -3.82 -5.39
C ILE B 49 -8.58 -5.22 -5.98
N LEU B 50 -7.74 -6.08 -5.42
CA LEU B 50 -7.66 -7.46 -5.87
C LEU B 50 -7.61 -8.38 -4.67
N CYS B 51 -8.36 -9.48 -4.75
CA CYS B 51 -8.50 -10.42 -3.64
C CYS B 51 -8.15 -11.81 -4.13
N LEU B 52 -7.32 -12.51 -3.36
CA LEU B 52 -6.89 -13.85 -3.73
C LEU B 52 -7.27 -14.80 -2.62
N GLN B 53 -7.61 -16.03 -3.10
CA GLN B 53 -7.95 -17.07 -2.16
C GLN B 53 -7.20 -18.34 -2.51
N GLU B 54 -6.96 -19.18 -1.47
CA GLU B 54 -6.20 -20.42 -1.58
C GLU B 54 -4.79 -20.13 -2.10
N THR B 55 -4.11 -19.27 -1.36
CA THR B 55 -2.77 -18.87 -1.77
C THR B 55 -1.73 -19.96 -1.50
N LYS B 56 -1.86 -20.71 -0.40
CA LYS B 56 -0.98 -21.84 -0.11
C LYS B 56 0.47 -21.40 -0.02
N CYS B 57 0.72 -20.49 0.92
CA CYS B 57 1.98 -19.76 0.92
C CYS B 57 2.04 -18.97 2.23
N SER B 58 3.09 -19.19 3.04
CA SER B 58 3.38 -18.35 4.21
C SER B 58 3.94 -17.03 3.69
N GLU B 59 4.05 -16.05 4.59
CA GLU B 59 4.50 -14.73 4.13
C GLU B 59 5.98 -14.68 3.81
N ASN B 60 6.83 -15.54 4.39
CA ASN B 60 8.23 -15.56 3.97
C ASN B 60 8.33 -15.76 2.48
N LYS B 61 7.54 -16.69 1.95
CA LYS B 61 7.78 -17.23 0.62
C LYS B 61 7.02 -16.51 -0.46
N LEU B 62 6.38 -15.39 -0.13
CA LEU B 62 5.71 -14.56 -1.12
C LEU B 62 6.71 -14.09 -2.16
N PRO B 63 6.53 -14.47 -3.44
CA PRO B 63 7.47 -14.05 -4.48
C PRO B 63 7.54 -12.54 -4.58
N ALA B 64 8.77 -12.01 -4.68
CA ALA B 64 8.94 -10.56 -4.66
C ALA B 64 8.26 -9.91 -5.85
N GLU B 65 7.96 -10.68 -6.90
CA GLU B 65 7.28 -10.16 -8.07
C GLU B 65 5.95 -9.49 -7.70
N LEU B 66 5.54 -9.57 -6.42
CA LEU B 66 4.32 -8.94 -5.97
C LEU B 66 4.48 -7.45 -5.69
N GLN B 67 5.69 -6.96 -5.41
CA GLN B 67 5.88 -5.52 -5.34
C GLN B 67 6.14 -4.88 -6.69
N GLU B 68 6.23 -5.68 -7.75
CA GLU B 68 6.11 -5.18 -9.12
C GLU B 68 4.67 -4.77 -9.44
N LEU B 69 3.85 -4.53 -8.41
CA LEU B 69 2.47 -4.06 -8.56
C LEU B 69 2.33 -2.72 -7.86
N PRO B 70 2.78 -1.62 -8.50
CA PRO B 70 2.54 -0.31 -7.86
C PRO B 70 1.09 0.15 -7.85
N GLY B 71 0.24 -0.32 -8.77
CA GLY B 71 -1.18 -0.01 -8.75
C GLY B 71 -1.96 -0.73 -7.67
N LEU B 72 -1.32 -1.69 -6.99
CA LEU B 72 -1.90 -2.48 -5.92
C LEU B 72 -0.88 -2.67 -4.78
N SER B 73 -0.35 -1.56 -4.24
CA SER B 73 0.84 -1.64 -3.39
C SER B 73 0.53 -1.92 -1.92
N HIS B 74 -0.67 -1.69 -1.46
CA HIS B 74 -1.02 -2.01 -0.09
C HIS B 74 -1.52 -3.44 -0.02
N GLN B 75 -0.74 -4.31 0.64
CA GLN B 75 -0.90 -5.75 0.51
C GLN B 75 -1.00 -6.37 1.90
N TYR B 76 -1.96 -7.28 2.06
CA TYR B 76 -2.29 -7.86 3.36
C TYR B 76 -2.50 -9.35 3.16
N TRP B 77 -1.68 -10.17 3.80
CA TRP B 77 -1.73 -11.61 3.64
C TRP B 77 -2.02 -12.28 4.97
N SER B 78 -2.68 -13.41 4.88
CA SER B 78 -3.17 -14.15 6.04
C SER B 78 -2.96 -15.61 5.73
N ALA B 79 -2.09 -16.24 6.44
CA ALA B 79 -1.88 -17.61 6.28
C ALA B 79 -2.48 -18.35 7.45
N PRO B 80 -2.85 -19.60 7.28
CA PRO B 80 -3.12 -20.45 8.45
C PRO B 80 -1.79 -20.76 9.12
N SER B 81 -1.89 -21.24 10.34
CA SER B 81 -0.65 -21.41 11.07
C SER B 81 -0.21 -22.87 11.02
N ASP B 82 -0.77 -23.69 11.92
CA ASP B 82 -0.50 -25.12 11.88
C ASP B 82 -0.74 -25.72 10.49
N LYS B 83 -1.74 -25.21 9.77
CA LYS B 83 -2.05 -25.65 8.41
C LYS B 83 -0.88 -25.21 7.54
N GLU B 84 0.08 -26.12 7.33
CA GLU B 84 1.35 -25.76 6.71
C GLU B 84 1.14 -25.77 5.20
N GLY B 85 1.37 -24.66 4.51
CA GLY B 85 1.25 -24.62 3.03
C GLY B 85 -0.13 -24.96 2.49
N TYR B 86 -1.20 -24.68 3.35
CA TYR B 86 -2.62 -24.89 2.95
C TYR B 86 -3.36 -23.54 3.00
N SER B 87 -4.59 -23.44 2.40
CA SER B 87 -5.44 -22.23 2.51
C SER B 87 -4.70 -20.93 2.18
N GLY B 88 -5.06 -19.83 2.83
CA GLY B 88 -4.44 -18.52 2.65
C GLY B 88 -5.20 -17.57 1.75
N VAL B 89 -5.34 -16.31 2.18
CA VAL B 89 -5.97 -15.26 1.38
C VAL B 89 -5.07 -14.03 1.38
N GLY B 90 -5.33 -13.14 0.44
CA GLY B 90 -4.59 -11.89 0.37
C GLY B 90 -5.45 -10.80 -0.22
N LEU B 91 -5.20 -9.57 0.22
CA LEU B 91 -5.88 -8.39 -0.31
C LEU B 91 -4.86 -7.33 -0.71
N LEU B 92 -4.84 -7.00 -2.00
CA LEU B 92 -3.98 -5.99 -2.60
C LEU B 92 -4.86 -4.83 -3.06
N SER B 93 -4.46 -3.60 -2.73
CA SER B 93 -5.27 -2.42 -2.97
C SER B 93 -4.38 -1.22 -3.31
N ARG B 94 -4.82 -0.45 -4.31
CA ARG B 94 -4.21 0.82 -4.63
C ARG B 94 -4.15 1.73 -3.40
N GLN B 95 -5.32 2.03 -2.84
CA GLN B 95 -5.42 2.82 -1.62
C GLN B 95 -5.32 1.94 -0.39
N ALA B 96 -4.76 2.50 0.67
CA ALA B 96 -4.75 1.77 1.92
C ALA B 96 -6.17 1.73 2.49
N PRO B 97 -6.60 0.60 3.02
CA PRO B 97 -7.83 0.59 3.82
C PRO B 97 -7.63 1.38 5.10
N LEU B 98 -8.73 1.86 5.67
CA LEU B 98 -8.65 2.48 6.99
C LEU B 98 -8.30 1.44 8.04
N LYS B 99 -8.93 0.27 7.97
CA LYS B 99 -8.76 -0.79 8.95
C LYS B 99 -8.50 -2.10 8.22
N VAL B 100 -7.67 -2.96 8.80
CA VAL B 100 -7.48 -4.31 8.28
C VAL B 100 -7.49 -5.26 9.46
N SER B 101 -8.24 -6.37 9.36
CA SER B 101 -8.21 -7.39 10.39
C SER B 101 -8.38 -8.76 9.73
N TYR B 102 -8.18 -9.81 10.53
CA TYR B 102 -8.05 -11.18 10.02
C TYR B 102 -8.93 -12.13 10.82
N GLY B 103 -9.82 -12.83 10.14
CA GLY B 103 -10.56 -13.91 10.77
C GLY B 103 -11.88 -13.46 11.35
N ILE B 104 -12.33 -14.21 12.38
CA ILE B 104 -13.58 -13.94 13.08
C ILE B 104 -13.28 -13.83 14.58
N GLY B 105 -12.12 -13.26 14.91
CA GLY B 105 -11.76 -12.95 16.29
C GLY B 105 -11.24 -14.12 17.11
N ASP B 106 -11.91 -15.27 17.00
CA ASP B 106 -11.75 -16.41 17.91
C ASP B 106 -10.60 -17.35 17.53
N GLU B 107 -9.45 -16.75 17.31
CA GLU B 107 -8.32 -17.49 16.86
C GLU B 107 -7.19 -17.28 17.80
N GLU B 108 -7.40 -17.72 19.02
CA GLU B 108 -6.41 -17.55 20.05
C GLU B 108 -5.46 -18.70 20.07
N HIS B 109 -5.92 -19.86 19.65
CA HIS B 109 -5.07 -21.01 19.63
C HIS B 109 -4.95 -21.50 18.22
N ASP B 110 -5.39 -20.71 17.25
CA ASP B 110 -5.34 -21.14 15.88
C ASP B 110 -5.86 -20.10 14.93
N GLN B 111 -5.25 -20.01 13.77
CA GLN B 111 -5.68 -19.06 12.76
C GLN B 111 -5.82 -19.81 11.43
N GLU B 112 -7.00 -19.75 10.87
CA GLU B 112 -7.34 -20.42 9.61
C GLU B 112 -6.86 -19.80 8.29
N GLY B 113 -6.58 -18.52 8.28
CA GLY B 113 -6.15 -17.83 7.08
C GLY B 113 -7.16 -17.77 5.95
N ARG B 114 -8.44 -17.55 6.26
CA ARG B 114 -9.49 -17.61 5.25
C ARG B 114 -10.17 -16.29 4.99
N VAL B 115 -9.99 -15.29 5.85
CA VAL B 115 -10.82 -14.09 5.79
C VAL B 115 -9.96 -12.87 6.04
N ILE B 116 -10.11 -11.87 5.17
CA ILE B 116 -9.60 -10.53 5.44
C ILE B 116 -10.77 -9.56 5.42
N VAL B 117 -10.84 -8.70 6.44
CA VAL B 117 -11.80 -7.61 6.52
C VAL B 117 -11.07 -6.28 6.31
N ALA B 118 -11.52 -5.53 5.32
CA ALA B 118 -10.89 -4.27 4.89
C ALA B 118 -11.97 -3.19 4.90
N GLU B 119 -12.01 -2.38 5.95
CA GLU B 119 -12.89 -1.21 6.01
C GLU B 119 -12.28 -0.11 5.17
N PHE B 120 -12.93 0.21 4.04
CA PHE B 120 -12.61 1.36 3.23
C PHE B 120 -13.52 2.53 3.60
N ASP B 121 -13.45 3.61 2.82
CA ASP B 121 -14.06 4.88 3.22
C ASP B 121 -15.57 4.78 3.28
N SER B 122 -16.20 4.43 2.16
CA SER B 122 -17.66 4.37 2.10
C SER B 122 -18.21 2.97 2.23
N PHE B 123 -17.37 1.94 2.30
CA PHE B 123 -17.87 0.59 2.47
C PHE B 123 -16.82 -0.25 3.19
N VAL B 124 -17.18 -1.50 3.48
CA VAL B 124 -16.26 -2.48 4.06
C VAL B 124 -16.28 -3.72 3.19
N LEU B 125 -15.09 -4.26 2.92
CA LEU B 125 -14.93 -5.38 2.00
C LEU B 125 -14.39 -6.59 2.76
N VAL B 126 -15.06 -7.73 2.59
CA VAL B 126 -14.60 -8.99 3.15
C VAL B 126 -14.23 -9.89 1.99
N THR B 127 -13.10 -10.58 2.10
CA THR B 127 -12.79 -11.67 1.19
C THR B 127 -12.66 -12.95 1.98
N ALA B 128 -13.20 -14.03 1.41
CA ALA B 128 -13.29 -15.28 2.12
C ALA B 128 -12.86 -16.40 1.18
N TYR B 129 -12.40 -17.49 1.78
CA TYR B 129 -12.16 -18.74 1.11
C TYR B 129 -12.79 -19.76 2.05
N VAL B 130 -14.10 -19.95 1.86
CA VAL B 130 -14.96 -20.72 2.77
C VAL B 130 -14.51 -22.18 2.80
N PRO B 131 -14.38 -22.83 3.97
CA PRO B 131 -13.80 -24.17 3.99
C PRO B 131 -14.66 -25.18 3.24
N ASN B 132 -13.99 -25.99 2.43
CA ASN B 132 -14.65 -26.98 1.57
C ASN B 132 -15.25 -28.10 2.41
N ALA B 133 -16.39 -28.63 1.97
CA ALA B 133 -17.05 -29.67 2.74
C ALA B 133 -16.24 -30.96 2.77
N GLY B 134 -15.48 -31.23 1.72
CA GLY B 134 -14.56 -32.35 1.65
C GLY B 134 -15.12 -33.51 0.85
N ARG B 135 -14.23 -34.23 0.17
CA ARG B 135 -14.63 -35.49 -0.42
C ARG B 135 -15.19 -36.40 0.65
N GLY B 136 -16.41 -36.91 0.40
CA GLY B 136 -17.16 -37.65 1.38
C GLY B 136 -17.72 -36.84 2.53
N LEU B 137 -17.64 -35.51 2.46
CA LEU B 137 -18.23 -34.63 3.46
C LEU B 137 -17.72 -34.92 4.86
N VAL B 138 -16.45 -35.31 5.00
CA VAL B 138 -15.92 -35.52 6.35
C VAL B 138 -15.86 -34.19 7.09
N ARG B 139 -15.54 -33.11 6.37
CA ARG B 139 -15.45 -31.76 6.93
C ARG B 139 -16.74 -30.97 6.72
N LEU B 140 -17.90 -31.63 6.77
CA LEU B 140 -19.18 -30.96 6.50
C LEU B 140 -19.81 -30.34 7.74
N GLU B 141 -19.63 -30.92 8.92
CA GLU B 141 -20.20 -30.32 10.10
C GLU B 141 -19.31 -29.24 10.70
N TYR B 142 -18.04 -29.20 10.33
CA TYR B 142 -17.26 -28.01 10.63
C TYR B 142 -17.66 -26.91 9.66
N ARG B 143 -18.02 -27.30 8.44
CA ARG B 143 -18.49 -26.33 7.45
C ARG B 143 -19.81 -25.72 7.88
N GLN B 144 -20.70 -26.55 8.43
CA GLN B 144 -21.96 -26.04 8.96
C GLN B 144 -21.70 -25.01 10.05
N ARG B 145 -20.88 -25.36 11.04
CA ARG B 145 -20.55 -24.40 12.10
C ARG B 145 -19.99 -23.12 11.50
N TRP B 146 -18.96 -23.28 10.64
CA TRP B 146 -18.31 -22.16 9.98
C TRP B 146 -19.31 -21.26 9.29
N ASP B 147 -20.28 -21.87 8.58
CA ASP B 147 -21.32 -21.09 7.90
C ASP B 147 -22.05 -20.18 8.86
N GLU B 148 -22.44 -20.73 10.01
CA GLU B 148 -23.24 -19.97 10.95
C GLU B 148 -22.44 -18.85 11.59
N ALA B 149 -21.18 -19.14 11.96
CA ALA B 149 -20.29 -18.09 12.46
C ALA B 149 -20.10 -17.00 11.43
N PHE B 150 -20.10 -17.37 10.15
CA PHE B 150 -19.80 -16.39 9.13
C PHE B 150 -20.94 -15.38 9.01
N ARG B 151 -22.18 -15.87 8.91
CA ARG B 151 -23.36 -15.00 8.93
C ARG B 151 -23.30 -14.01 10.07
N LYS B 152 -23.19 -14.51 11.29
CA LYS B 152 -23.29 -13.64 12.45
C LYS B 152 -22.18 -12.61 12.46
N PHE B 153 -20.97 -13.04 12.11
CA PHE B 153 -19.89 -12.08 11.97
C PHE B 153 -20.24 -11.02 10.94
N LEU B 154 -20.86 -11.41 9.84
CA LEU B 154 -21.13 -10.44 8.80
C LEU B 154 -22.22 -9.46 9.21
N LYS B 155 -22.80 -9.62 10.40
CA LYS B 155 -23.76 -8.66 10.91
C LYS B 155 -23.15 -7.60 11.80
N GLY B 156 -22.10 -7.94 12.55
CA GLY B 156 -21.31 -6.91 13.21
C GLY B 156 -20.66 -5.93 12.27
N LEU B 157 -20.71 -6.21 10.96
CA LEU B 157 -20.12 -5.40 9.90
C LEU B 157 -21.15 -4.62 9.09
N ALA B 158 -22.20 -5.32 8.64
CA ALA B 158 -23.20 -4.66 7.79
C ALA B 158 -24.06 -3.69 8.57
N SER B 159 -24.06 -3.77 9.91
CA SER B 159 -24.78 -2.83 10.74
C SER B 159 -24.11 -1.47 10.82
N ARG B 160 -22.83 -1.37 10.39
CA ARG B 160 -22.06 -0.13 10.51
C ARG B 160 -21.65 0.46 9.17
N LYS B 161 -21.72 -0.29 8.06
CA LYS B 161 -21.30 0.14 6.73
C LYS B 161 -21.83 -0.84 5.68
N PRO B 162 -22.00 -0.39 4.44
CA PRO B 162 -22.34 -1.33 3.36
C PRO B 162 -21.23 -2.36 3.19
N LEU B 163 -21.64 -3.60 2.96
CA LEU B 163 -20.75 -4.75 2.88
C LEU B 163 -20.56 -5.18 1.42
N VAL B 164 -19.33 -5.50 1.06
CA VAL B 164 -19.03 -6.24 -0.18
C VAL B 164 -18.25 -7.48 0.25
N LEU B 165 -18.79 -8.65 -0.07
CA LEU B 165 -18.18 -9.93 0.23
C LEU B 165 -17.87 -10.63 -1.07
N CYS B 166 -16.59 -10.89 -1.32
CA CYS B 166 -16.15 -11.64 -2.48
C CYS B 166 -15.29 -12.82 -2.06
N GLY B 167 -15.03 -13.69 -3.01
CA GLY B 167 -14.16 -14.82 -2.78
C GLY B 167 -14.80 -16.12 -3.19
N ASP B 168 -14.09 -17.21 -2.86
CA ASP B 168 -14.56 -18.57 -3.05
C ASP B 168 -15.47 -18.94 -1.89
N LEU B 169 -16.78 -18.86 -2.13
CA LEU B 169 -17.76 -19.25 -1.13
C LEU B 169 -18.10 -20.73 -1.16
N ASN B 170 -17.62 -21.48 -2.16
CA ASN B 170 -17.59 -22.94 -2.11
C ASN B 170 -18.98 -23.58 -2.08
N VAL B 171 -19.84 -23.10 -2.95
CA VAL B 171 -21.21 -23.57 -3.06
C VAL B 171 -21.82 -23.02 -4.35
N ALA B 172 -22.55 -23.87 -5.06
CA ALA B 172 -23.38 -23.41 -6.18
C ALA B 172 -24.77 -23.20 -5.60
N HIS B 173 -25.23 -21.95 -5.59
CA HIS B 173 -26.47 -21.62 -4.90
C HIS B 173 -27.60 -22.48 -5.43
N GLU B 174 -27.95 -22.27 -6.69
CA GLU B 174 -29.03 -22.99 -7.34
C GLU B 174 -28.47 -23.88 -8.44
N GLU B 175 -29.36 -24.73 -8.96
CA GLU B 175 -29.00 -25.67 -10.02
C GLU B 175 -28.43 -24.93 -11.24
N ILE B 176 -28.87 -23.70 -11.46
CA ILE B 176 -28.37 -22.88 -12.61
C ILE B 176 -26.87 -22.57 -12.43
N ASP B 177 -26.32 -22.75 -11.23
CA ASP B 177 -24.90 -22.38 -10.97
C ASP B 177 -23.92 -23.50 -11.34
N LEU B 178 -24.37 -24.75 -11.47
CA LEU B 178 -23.45 -25.84 -11.76
C LEU B 178 -24.01 -26.65 -12.91
N ARG B 179 -23.25 -27.30 -13.67
CA ARG B 179 -23.72 -28.02 -14.88
C ARG B 179 -24.38 -29.36 -14.55
N ASN B 180 -23.90 -30.04 -13.45
CA ASN B 180 -24.49 -31.34 -13.14
C ASN B 180 -25.11 -31.37 -11.74
N PRO B 181 -26.22 -30.67 -11.52
CA PRO B 181 -26.90 -30.79 -10.22
C PRO B 181 -27.11 -32.24 -9.76
N LYS B 182 -27.25 -33.17 -10.72
CA LYS B 182 -27.63 -34.56 -10.50
C LYS B 182 -26.80 -35.31 -9.45
N GLY B 183 -25.55 -35.59 -9.79
CA GLY B 183 -24.72 -36.48 -9.00
C GLY B 183 -23.85 -35.73 -8.02
N ASN B 184 -24.20 -34.47 -7.75
CA ASN B 184 -23.50 -33.65 -6.78
C ASN B 184 -24.38 -33.26 -5.59
N LYS B 185 -25.62 -33.75 -5.54
CA LYS B 185 -26.47 -33.47 -4.39
C LYS B 185 -25.87 -34.02 -3.11
N LYS B 186 -24.91 -34.96 -3.20
CA LYS B 186 -24.17 -35.29 -1.99
C LYS B 186 -22.66 -35.20 -2.23
N ASN B 187 -22.25 -34.27 -3.09
CA ASN B 187 -20.85 -33.92 -3.28
C ASN B 187 -20.59 -32.49 -2.83
N ALA B 188 -19.43 -32.29 -2.19
CA ALA B 188 -19.05 -31.00 -1.61
C ALA B 188 -19.26 -29.88 -2.60
N GLY B 189 -20.06 -28.89 -2.20
CA GLY B 189 -20.40 -27.77 -3.04
C GLY B 189 -21.90 -27.65 -3.16
N PHE B 190 -22.63 -28.77 -3.11
CA PHE B 190 -24.06 -28.76 -3.43
C PHE B 190 -24.94 -29.66 -2.56
N THR B 191 -24.46 -29.93 -1.35
CA THR B 191 -25.33 -30.67 -0.41
C THR B 191 -26.35 -29.67 0.11
N PRO B 192 -27.55 -30.11 0.52
CA PRO B 192 -28.60 -29.16 0.91
C PRO B 192 -28.19 -28.26 2.04
N GLN B 193 -27.19 -28.63 2.84
CA GLN B 193 -26.75 -27.74 3.92
C GLN B 193 -26.01 -26.54 3.36
N GLU B 194 -25.10 -26.79 2.42
CA GLU B 194 -24.41 -25.69 1.78
C GLU B 194 -25.39 -24.78 1.06
N ARG B 195 -26.33 -25.37 0.32
CA ARG B 195 -27.28 -24.58 -0.45
C ARG B 195 -28.19 -23.76 0.47
N GLN B 196 -28.59 -24.32 1.61
CA GLN B 196 -29.32 -23.52 2.59
C GLN B 196 -28.41 -22.50 3.28
N GLY B 197 -27.17 -22.90 3.58
CA GLY B 197 -26.23 -21.96 4.16
C GLY B 197 -26.17 -20.65 3.39
N PHE B 198 -25.99 -20.75 2.08
CA PHE B 198 -25.97 -19.57 1.22
C PHE B 198 -27.25 -18.75 1.37
N GLY B 199 -28.40 -19.43 1.36
CA GLY B 199 -29.67 -18.74 1.51
C GLY B 199 -29.81 -18.02 2.83
N GLU B 200 -29.33 -18.63 3.93
CA GLU B 200 -29.33 -17.93 5.21
C GLU B 200 -28.38 -16.75 5.18
N LEU B 201 -27.24 -16.92 4.50
CA LEU B 201 -26.30 -15.82 4.33
C LEU B 201 -26.95 -14.66 3.58
N LEU B 202 -27.52 -14.93 2.40
CA LEU B 202 -28.17 -13.84 1.66
C LEU B 202 -29.26 -13.16 2.48
N GLN B 203 -29.88 -13.91 3.40
CA GLN B 203 -31.03 -13.46 4.19
C GLN B 203 -30.64 -12.90 5.54
N ALA B 204 -29.57 -13.38 6.09
CA ALA B 204 -29.10 -12.89 7.33
C ALA B 204 -28.47 -11.49 7.31
N VAL B 205 -27.60 -11.20 6.36
CA VAL B 205 -26.94 -9.90 6.34
C VAL B 205 -27.89 -8.73 6.26
N PRO B 206 -28.65 -8.46 5.17
CA PRO B 206 -28.70 -9.29 3.97
C PRO B 206 -27.83 -8.85 2.78
N LEU B 207 -27.66 -9.74 1.81
CA LEU B 207 -26.94 -9.39 0.59
C LEU B 207 -27.59 -9.96 -0.64
N ALA B 208 -27.10 -9.51 -1.76
CA ALA B 208 -27.56 -9.95 -3.07
C ALA B 208 -26.37 -10.44 -3.89
N ASP B 209 -26.50 -11.67 -4.41
CA ASP B 209 -25.63 -12.23 -5.44
C ASP B 209 -25.56 -11.23 -6.59
N SER B 210 -24.39 -10.61 -6.79
CA SER B 210 -24.28 -9.49 -7.73
C SER B 210 -24.48 -10.06 -9.14
N PHE B 211 -23.84 -11.17 -9.46
CA PHE B 211 -23.94 -11.71 -10.84
C PHE B 211 -25.41 -12.12 -11.11
N ARG B 212 -26.01 -12.88 -10.19
CA ARG B 212 -27.40 -13.37 -10.39
C ARG B 212 -28.36 -12.18 -10.45
N HIS B 213 -28.14 -11.14 -9.63
CA HIS B 213 -29.03 -9.98 -9.71
C HIS B 213 -29.02 -9.32 -11.09
N LEU B 214 -27.96 -9.51 -11.88
CA LEU B 214 -27.91 -8.95 -13.23
C LEU B 214 -28.35 -9.93 -14.30
N TYR B 215 -28.01 -11.19 -14.15
CA TYR B 215 -28.34 -12.22 -15.14
C TYR B 215 -29.07 -13.32 -14.41
N PRO B 216 -30.35 -13.12 -14.07
CA PRO B 216 -31.06 -14.13 -13.29
C PRO B 216 -31.29 -15.40 -14.06
N ASN B 217 -31.47 -15.30 -15.38
CA ASN B 217 -31.78 -16.45 -16.22
C ASN B 217 -30.59 -16.99 -16.99
N THR B 218 -29.42 -16.38 -16.87
CA THR B 218 -28.27 -16.84 -17.64
C THR B 218 -27.62 -18.08 -17.14
N ALA B 221 -22.59 -20.30 -16.62
CA ALA B 221 -21.62 -19.31 -16.18
C ALA B 221 -20.90 -19.83 -14.94
N TYR B 222 -19.65 -20.24 -15.10
CA TYR B 222 -18.96 -20.81 -13.97
C TYR B 222 -17.62 -20.11 -13.74
N THR B 223 -17.15 -20.26 -12.50
CA THR B 223 -15.85 -19.77 -12.07
C THR B 223 -14.86 -20.89 -11.78
N PHE B 224 -15.25 -22.16 -11.94
CA PHE B 224 -14.39 -23.26 -11.50
C PHE B 224 -14.63 -24.52 -12.32
N TRP B 225 -13.54 -25.16 -12.72
CA TRP B 225 -13.57 -26.42 -13.44
C TRP B 225 -12.46 -27.30 -12.89
N THR B 226 -12.80 -28.53 -12.51
CA THR B 226 -11.76 -29.44 -12.04
C THR B 226 -10.70 -29.63 -13.12
N TYR B 227 -9.46 -29.80 -12.68
CA TYR B 227 -8.38 -30.04 -13.65
C TYR B 227 -8.57 -31.36 -14.37
N MET B 228 -9.28 -32.30 -13.74
CA MET B 228 -9.47 -33.64 -14.27
C MET B 228 -10.45 -33.65 -15.43
N MET B 229 -10.33 -34.73 -16.23
CA MET B 229 -11.23 -35.03 -17.34
C MET B 229 -11.33 -33.89 -18.35
N ASN B 230 -10.32 -33.00 -18.37
CA ASN B 230 -10.35 -31.82 -19.24
C ASN B 230 -11.73 -31.13 -19.12
N ALA B 231 -12.19 -30.99 -17.87
CA ALA B 231 -13.52 -30.48 -17.62
C ALA B 231 -13.68 -29.03 -18.06
N ARG B 232 -12.58 -28.28 -18.19
CA ARG B 232 -12.69 -26.84 -18.45
C ARG B 232 -13.04 -26.56 -19.91
N SER B 233 -12.59 -27.40 -20.84
CA SER B 233 -12.89 -27.18 -22.25
C SER B 233 -14.35 -27.51 -22.57
N LYS B 234 -14.88 -28.57 -21.98
CA LYS B 234 -16.32 -28.80 -22.08
C LYS B 234 -17.13 -27.81 -21.28
N ASN B 235 -16.49 -26.95 -20.48
CA ASN B 235 -17.15 -26.06 -19.53
C ASN B 235 -18.18 -26.83 -18.71
N VAL B 236 -17.69 -27.82 -17.98
CA VAL B 236 -18.44 -28.50 -16.93
C VAL B 236 -17.89 -27.96 -15.61
N GLY B 237 -18.49 -26.88 -15.13
CA GLY B 237 -17.98 -26.30 -13.93
C GLY B 237 -19.02 -25.77 -12.98
N TRP B 238 -18.54 -25.01 -11.99
CA TRP B 238 -19.37 -24.49 -10.92
C TRP B 238 -19.21 -22.97 -10.82
N ARG B 239 -20.27 -22.33 -10.33
CA ARG B 239 -20.14 -20.90 -9.98
C ARG B 239 -19.95 -20.89 -8.46
N LEU B 240 -18.70 -20.78 -8.01
CA LEU B 240 -18.31 -20.83 -6.61
C LEU B 240 -17.86 -19.49 -6.06
N ASP B 241 -17.53 -18.55 -6.93
CA ASP B 241 -16.87 -17.30 -6.58
C ASP B 241 -17.83 -16.15 -6.84
N TYR B 242 -18.10 -15.35 -5.82
CA TYR B 242 -19.13 -14.35 -5.92
C TYR B 242 -18.63 -12.99 -5.47
N PHE B 243 -19.37 -11.97 -5.89
CA PHE B 243 -19.45 -10.69 -5.21
C PHE B 243 -20.86 -10.60 -4.65
N LEU B 244 -20.98 -10.57 -3.32
CA LEU B 244 -22.27 -10.37 -2.67
C LEU B 244 -22.29 -8.97 -2.07
N LEU B 245 -23.42 -8.28 -2.23
CA LEU B 245 -23.49 -6.86 -1.91
C LEU B 245 -24.60 -6.56 -0.93
N SER B 246 -24.32 -5.64 -0.01
CA SER B 246 -25.40 -4.97 0.70
C SER B 246 -26.41 -4.41 -0.29
N HIS B 247 -27.69 -4.47 0.08
CA HIS B 247 -28.72 -3.98 -0.83
C HIS B 247 -28.53 -2.50 -1.12
N SER B 248 -28.08 -1.75 -0.12
CA SER B 248 -27.88 -0.31 -0.28
C SER B 248 -26.86 0.02 -1.34
N LEU B 249 -26.21 -0.99 -1.93
CA LEU B 249 -25.20 -0.77 -2.96
C LEU B 249 -25.67 -1.14 -4.36
N LEU B 250 -26.69 -1.99 -4.48
CA LEU B 250 -27.30 -2.27 -5.76
C LEU B 250 -27.54 -1.03 -6.62
N PRO B 251 -27.90 0.12 -6.03
CA PRO B 251 -27.87 1.37 -6.80
C PRO B 251 -26.56 1.66 -7.53
N ALA B 252 -25.42 1.26 -6.97
CA ALA B 252 -24.13 1.55 -7.58
C ALA B 252 -23.63 0.43 -8.50
N LEU B 253 -24.35 -0.67 -8.60
CA LEU B 253 -23.84 -1.84 -9.31
C LEU B 253 -23.94 -1.63 -10.82
N CYS B 254 -22.80 -1.62 -11.50
CA CYS B 254 -22.73 -1.50 -12.94
C CYS B 254 -22.68 -2.86 -13.61
N ASP B 255 -21.73 -3.70 -13.24
CA ASP B 255 -21.66 -5.02 -13.82
C ASP B 255 -20.83 -5.95 -12.93
N SER B 256 -21.15 -7.25 -13.01
CA SER B 256 -20.47 -8.31 -12.29
C SER B 256 -20.02 -9.34 -13.32
N LYS B 257 -18.74 -9.45 -13.52
CA LYS B 257 -18.25 -10.28 -14.64
C LYS B 257 -17.55 -11.55 -14.22
N ILE B 258 -17.30 -12.38 -15.20
CA ILE B 258 -16.62 -13.66 -15.05
C ILE B 258 -15.60 -13.70 -16.18
N ARG B 259 -14.33 -13.77 -15.82
CA ARG B 259 -13.25 -13.66 -16.80
C ARG B 259 -12.85 -15.06 -17.24
N SER B 260 -13.80 -15.69 -17.95
CA SER B 260 -13.80 -17.13 -18.15
C SER B 260 -12.48 -17.64 -18.73
N LYS B 261 -11.81 -16.83 -19.56
CA LYS B 261 -10.71 -17.34 -20.34
C LYS B 261 -9.34 -16.98 -19.78
N ALA B 262 -9.27 -16.29 -18.63
CA ALA B 262 -8.00 -15.94 -17.99
C ALA B 262 -7.46 -17.16 -17.25
N LEU B 263 -6.34 -17.70 -17.70
CA LEU B 263 -5.89 -18.98 -17.16
C LEU B 263 -5.01 -18.77 -15.93
N GLY B 264 -4.62 -19.88 -15.28
CA GLY B 264 -3.70 -19.83 -14.16
C GLY B 264 -4.11 -20.63 -12.93
N SER B 265 -5.32 -21.17 -12.95
CA SER B 265 -5.90 -21.77 -11.77
C SER B 265 -7.07 -22.64 -12.24
N ASP B 266 -7.57 -23.48 -11.34
CA ASP B 266 -8.81 -24.14 -11.71
C ASP B 266 -10.01 -23.21 -11.51
N HIS B 267 -9.78 -22.00 -11.01
CA HIS B 267 -10.80 -20.96 -10.97
C HIS B 267 -10.41 -19.84 -11.92
N CYS B 268 -11.41 -19.12 -12.40
CA CYS B 268 -11.20 -17.92 -13.20
C CYS B 268 -11.49 -16.68 -12.36
N PRO B 269 -11.01 -15.52 -12.74
CA PRO B 269 -11.25 -14.33 -11.95
C PRO B 269 -12.67 -13.81 -12.17
N ILE B 270 -13.16 -13.09 -11.16
CA ILE B 270 -14.40 -12.33 -11.24
C ILE B 270 -14.09 -10.88 -10.97
N THR B 271 -14.83 -9.98 -11.62
CA THR B 271 -14.58 -8.56 -11.44
C THR B 271 -15.88 -7.82 -11.18
N LEU B 272 -15.81 -6.80 -10.32
CA LEU B 272 -16.97 -6.04 -9.90
C LEU B 272 -16.75 -4.57 -10.24
N TYR B 273 -17.80 -3.92 -10.74
CA TYR B 273 -17.77 -2.49 -11.07
C TYR B 273 -18.82 -1.76 -10.23
N LEU B 274 -18.38 -0.92 -9.31
CA LEU B 274 -19.32 -0.19 -8.47
C LEU B 274 -19.19 1.30 -8.74
N ALA B 275 -20.34 1.96 -8.89
CA ALA B 275 -20.43 3.40 -9.09
C ALA B 275 -20.61 4.06 -7.73
N LEU B 276 -19.50 4.14 -6.99
CA LEU B 276 -19.46 4.77 -5.66
C LEU B 276 -19.34 6.27 -5.75
#